data_4UE9
#
_entry.id   4UE9
#
_cell.length_a   40.000
_cell.length_b   40.000
_cell.length_c   443.060
_cell.angle_alpha   90.00
_cell.angle_beta   90.00
_cell.angle_gamma   120.00
#
_symmetry.space_group_name_H-M   'P 65 2 2'
#
loop_
_entity.id
_entity.type
_entity.pdbx_description
1 polymer 'EUKARYOTIC TRANSLATION INITIATION FACTOR 4E'
2 polymer 'EUKARYOTIC TRANSLATION INITIATION FACTOR 4E TRANSPORTER'
3 water water
#
loop_
_entity_poly.entity_id
_entity_poly.type
_entity_poly.pdbx_seq_one_letter_code
_entity_poly.pdbx_strand_id
1 'polypeptide(L)'
;GPHMKHPLMNVWTLWYLENDRSKSWEDMQNEITSFDTVEDFWSLYNHIKPPSEIKLGSDYSLFKKNIRPMWEDAANKQGG
RWVITLNKSSKTDLDNLWLDVLLCLIGEAFDHSDQICGAVINIRGKSNKISIWTADGNNEEAALEIGHKLRDALRLGRNN
SLQYQLHKDTMVKQGSNVKSIYTL
;
A
2 'polypeptide(L)' GPHMRYSKVDLLALRYEGKSRQRPQCSTRLELQTLGFWKI B
#
# COMPACT_ATOMS: atom_id res chain seq x y z
N LYS A 5 15.45 -10.73 -14.45
CA LYS A 5 14.61 -10.04 -13.47
C LYS A 5 14.80 -10.64 -12.08
N HIS A 6 14.54 -9.82 -11.06
CA HIS A 6 14.61 -10.26 -9.67
C HIS A 6 13.22 -10.59 -9.15
N PRO A 7 12.97 -11.86 -8.81
CA PRO A 7 11.61 -12.25 -8.39
C PRO A 7 11.24 -11.75 -7.00
N LEU A 8 9.96 -11.44 -6.81
CA LEU A 8 9.43 -11.10 -5.50
C LEU A 8 8.89 -12.36 -4.84
N MET A 9 8.86 -12.35 -3.50
CA MET A 9 8.34 -13.48 -2.75
C MET A 9 6.87 -13.73 -3.08
N ASN A 10 6.13 -12.63 -3.23
CA ASN A 10 4.70 -12.70 -3.53
C ASN A 10 4.34 -11.96 -4.82
N VAL A 11 3.18 -12.30 -5.36
CA VAL A 11 2.61 -11.59 -6.49
C VAL A 11 1.69 -10.49 -5.96
N TRP A 12 1.91 -9.27 -6.43
CA TRP A 12 1.16 -8.10 -5.94
C TRP A 12 0.30 -7.51 -7.03
N THR A 13 -0.84 -6.94 -6.63
CA THR A 13 -1.78 -6.31 -7.55
C THR A 13 -2.03 -4.86 -7.14
N LEU A 14 -1.83 -3.95 -8.09
CA LEU A 14 -2.14 -2.54 -7.89
C LEU A 14 -3.59 -2.25 -8.26
N TRP A 15 -4.30 -1.59 -7.35
CA TRP A 15 -5.67 -1.15 -7.59
C TRP A 15 -5.71 0.37 -7.56
N TYR A 16 -6.69 0.94 -8.26
CA TYR A 16 -6.89 2.39 -8.26
C TYR A 16 -8.37 2.73 -8.15
N LEU A 17 -8.73 3.43 -7.08
CA LEU A 17 -10.09 3.86 -6.87
C LEU A 17 -10.26 5.29 -7.37
N GLU A 18 -11.33 5.53 -8.13
CA GLU A 18 -11.65 6.87 -8.61
C GLU A 18 -13.15 7.09 -8.58
N ASN A 19 -13.57 8.25 -8.10
CA ASN A 19 -14.98 8.55 -7.96
C ASN A 19 -15.67 8.75 -9.31
N ASP A 20 -16.75 8.00 -9.52
CA ASP A 20 -17.48 8.01 -10.78
C ASP A 20 -18.94 7.67 -10.52
N ARG A 21 -19.81 8.02 -11.46
CA ARG A 21 -21.24 7.78 -11.33
C ARG A 21 -21.79 7.04 -12.54
N SER A 24 -21.67 4.14 -10.34
CA SER A 24 -21.04 2.95 -9.79
C SER A 24 -21.00 3.03 -8.26
N TRP A 25 -20.92 1.86 -7.61
CA TRP A 25 -20.89 1.78 -6.16
C TRP A 25 -19.59 1.17 -5.66
N GLU A 26 -19.43 -0.14 -5.90
CA GLU A 26 -18.21 -0.84 -5.53
C GLU A 26 -17.37 -1.16 -6.76
N ASP A 27 -17.88 -0.81 -7.94
CA ASP A 27 -17.15 -0.98 -9.18
C ASP A 27 -16.22 0.20 -9.45
N MET A 28 -16.14 1.10 -8.48
CA MET A 28 -15.28 2.27 -8.58
C MET A 28 -13.82 1.87 -8.39
N GLN A 29 -13.62 0.67 -7.85
CA GLN A 29 -12.28 0.12 -7.67
C GLN A 29 -11.81 -0.58 -8.95
N ASN A 30 -10.64 -0.18 -9.44
CA ASN A 30 -10.10 -0.70 -10.68
C ASN A 30 -8.84 -1.52 -10.48
N GLU A 31 -8.86 -2.78 -10.89
CA GLU A 31 -7.67 -3.63 -10.88
C GLU A 31 -6.77 -3.28 -12.06
N ILE A 32 -5.67 -2.59 -11.78
CA ILE A 32 -4.77 -2.13 -12.83
C ILE A 32 -3.96 -3.28 -13.41
N THR A 33 -3.03 -3.82 -12.60
CA THR A 33 -2.20 -4.92 -13.06
C THR A 33 -1.53 -5.65 -11.90
N SER A 34 -0.90 -6.77 -12.21
CA SER A 34 -0.16 -7.54 -11.23
C SER A 34 1.30 -7.70 -11.66
N PHE A 35 2.17 -7.96 -10.68
CA PHE A 35 3.59 -8.10 -10.93
C PHE A 35 4.23 -9.00 -9.88
N ASP A 36 5.34 -9.64 -10.23
CA ASP A 36 6.02 -10.54 -9.30
C ASP A 36 7.54 -10.41 -9.39
N THR A 37 8.01 -9.31 -9.96
CA THR A 37 9.44 -9.02 -10.02
C THR A 37 9.69 -7.55 -9.64
N VAL A 38 10.91 -7.26 -9.21
CA VAL A 38 11.28 -5.91 -8.81
C VAL A 38 11.26 -4.99 -10.02
N GLU A 39 11.71 -5.49 -11.17
CA GLU A 39 11.78 -4.70 -12.39
C GLU A 39 10.38 -4.26 -12.83
N ASP A 40 9.44 -5.19 -12.81
CA ASP A 40 8.08 -4.93 -13.25
C ASP A 40 7.35 -3.98 -12.28
N PHE A 41 7.73 -4.02 -11.01
CA PHE A 41 7.18 -3.07 -10.04
C PHE A 41 7.54 -1.65 -10.45
N TRP A 42 8.82 -1.41 -10.71
CA TRP A 42 9.30 -0.09 -11.07
C TRP A 42 8.73 0.34 -12.42
N SER A 43 8.63 -0.60 -13.35
CA SER A 43 8.07 -0.31 -14.67
C SER A 43 6.65 0.25 -14.52
N LEU A 44 5.93 -0.27 -13.53
CA LEU A 44 4.59 0.21 -13.23
C LEU A 44 4.62 1.53 -12.47
N TYR A 45 5.47 1.58 -11.44
CA TYR A 45 5.54 2.76 -10.57
C TYR A 45 6.08 3.97 -11.32
N ASN A 46 6.97 3.74 -12.28
CA ASN A 46 7.57 4.84 -13.04
C ASN A 46 6.61 5.49 -14.01
N HIS A 47 5.47 4.84 -14.28
CA HIS A 47 4.53 5.31 -15.28
C HIS A 47 3.15 5.64 -14.72
N ILE A 48 3.06 5.74 -13.40
CA ILE A 48 1.83 6.18 -12.74
C ILE A 48 2.10 7.44 -11.91
N LYS A 49 1.08 8.26 -11.73
CA LYS A 49 1.23 9.50 -10.97
C LYS A 49 1.49 9.20 -9.50
N PRO A 50 2.37 9.99 -8.86
CA PRO A 50 2.54 9.83 -7.42
C PRO A 50 1.28 10.27 -6.67
N PRO A 51 1.11 9.82 -5.42
CA PRO A 51 -0.10 10.14 -4.64
C PRO A 51 -0.43 11.63 -4.58
N SER A 52 0.60 12.46 -4.55
CA SER A 52 0.42 13.92 -4.43
C SER A 52 -0.29 14.53 -5.63
N GLU A 53 -0.26 13.83 -6.76
CA GLU A 53 -0.88 14.35 -7.99
C GLU A 53 -2.23 13.67 -8.26
N ILE A 54 -2.65 12.80 -7.37
CA ILE A 54 -3.91 12.06 -7.53
C ILE A 54 -5.10 12.94 -7.18
N LYS A 55 -6.21 12.71 -7.87
CA LYS A 55 -7.44 13.47 -7.63
C LYS A 55 -8.00 13.18 -6.25
N LEU A 56 -8.71 14.15 -5.69
CA LEU A 56 -9.34 13.99 -4.38
C LEU A 56 -10.36 12.87 -4.42
N GLY A 57 -10.36 12.04 -3.38
CA GLY A 57 -11.32 10.96 -3.25
C GLY A 57 -10.81 9.65 -3.83
N SER A 58 -9.68 9.70 -4.52
CA SER A 58 -9.12 8.51 -5.15
C SER A 58 -8.15 7.78 -4.22
N ASP A 59 -7.98 6.48 -4.46
CA ASP A 59 -7.05 5.65 -3.70
C ASP A 59 -6.08 4.88 -4.59
N TYR A 60 -4.88 4.64 -4.07
CA TYR A 60 -4.00 3.59 -4.57
C TYR A 60 -4.05 2.47 -3.54
N SER A 61 -4.07 1.23 -4.01
CA SER A 61 -4.01 0.07 -3.13
C SER A 61 -3.12 -1.00 -3.73
N LEU A 62 -2.18 -1.50 -2.94
CA LEU A 62 -1.36 -2.64 -3.36
C LEU A 62 -1.64 -3.81 -2.44
N PHE A 63 -2.21 -4.87 -3.00
CA PHE A 63 -2.56 -6.07 -2.24
C PHE A 63 -1.97 -7.31 -2.91
N LYS A 64 -1.76 -8.35 -2.12
CA LYS A 64 -1.28 -9.62 -2.65
C LYS A 64 -2.32 -10.16 -3.62
N LYS A 65 -1.85 -11.00 -4.54
CA LYS A 65 -2.71 -11.58 -5.57
C LYS A 65 -3.93 -12.25 -4.96
N ASN A 66 -5.09 -11.99 -5.56
CA ASN A 66 -6.38 -12.58 -5.17
C ASN A 66 -6.98 -11.99 -3.89
N ILE A 67 -6.40 -10.90 -3.39
CA ILE A 67 -6.98 -10.19 -2.25
C ILE A 67 -7.53 -8.85 -2.70
N ARG A 68 -8.82 -8.66 -2.51
CA ARG A 68 -9.48 -7.41 -2.87
C ARG A 68 -9.21 -6.36 -1.80
N PRO A 69 -9.04 -5.08 -2.22
CA PRO A 69 -8.76 -4.00 -1.26
C PRO A 69 -10.01 -3.59 -0.47
N MET A 70 -10.67 -4.57 0.13
CA MET A 70 -11.86 -4.33 0.95
C MET A 70 -11.86 -5.34 2.09
N TRP A 71 -12.34 -4.92 3.25
CA TRP A 71 -12.28 -5.76 4.43
C TRP A 71 -13.13 -7.03 4.26
N GLU A 72 -14.14 -6.96 3.39
CA GLU A 72 -15.03 -8.09 3.18
C GLU A 72 -14.32 -9.33 2.63
N ASP A 73 -13.18 -9.12 1.98
CA ASP A 73 -12.41 -10.22 1.43
C ASP A 73 -12.08 -11.25 2.50
N ALA A 74 -12.01 -12.52 2.12
CA ALA A 74 -11.77 -13.60 3.07
C ALA A 74 -10.40 -13.50 3.71
N ALA A 75 -9.51 -12.73 3.08
CA ALA A 75 -8.16 -12.53 3.59
C ALA A 75 -8.11 -11.40 4.61
N ASN A 76 -9.10 -10.52 4.56
CA ASN A 76 -9.14 -9.34 5.42
C ASN A 76 -10.23 -9.39 6.49
N LYS A 77 -11.11 -10.37 6.38
CA LYS A 77 -12.35 -10.39 7.19
C LYS A 77 -12.12 -10.37 8.70
N GLN A 78 -11.04 -11.03 9.15
CA GLN A 78 -10.73 -11.08 10.58
C GLN A 78 -9.59 -10.13 10.96
N GLY A 79 -9.24 -9.23 10.05
CA GLY A 79 -8.05 -8.41 10.19
C GLY A 79 -8.26 -6.99 10.64
N GLY A 80 -7.25 -6.16 10.41
CA GLY A 80 -7.28 -4.75 10.76
C GLY A 80 -6.19 -4.03 9.99
N ARG A 81 -5.89 -2.80 10.37
CA ARG A 81 -4.91 -2.00 9.66
C ARG A 81 -4.16 -1.01 10.55
N TRP A 82 -2.87 -0.85 10.26
CA TRP A 82 -2.07 0.21 10.88
C TRP A 82 -2.27 1.49 10.09
N VAL A 83 -2.81 2.52 10.74
CA VAL A 83 -3.17 3.77 10.07
C VAL A 83 -2.16 4.89 10.34
N ILE A 84 -1.76 5.58 9.27
CA ILE A 84 -0.95 6.78 9.37
C ILE A 84 -1.72 7.97 8.82
N THR A 85 -2.00 8.96 9.68
CA THR A 85 -2.71 10.16 9.26
C THR A 85 -1.70 11.27 8.97
N LEU A 86 -1.95 12.01 7.88
CA LEU A 86 -0.99 13.00 7.39
C LEU A 86 -1.67 14.31 7.02
N ASN A 87 -0.96 15.41 7.25
CA ASN A 87 -1.47 16.74 6.90
C ASN A 87 -1.42 16.97 5.40
N LYS A 88 -2.31 17.83 4.91
CA LYS A 88 -2.37 18.15 3.49
C LYS A 88 -1.16 18.97 3.04
N SER A 89 -0.49 19.61 4.00
CA SER A 89 0.62 20.50 3.69
C SER A 89 1.74 19.81 2.93
N SER A 90 2.52 20.60 2.19
CA SER A 90 3.65 20.09 1.44
C SER A 90 4.79 19.66 2.36
N LYS A 91 4.73 20.11 3.62
CA LYS A 91 5.73 19.75 4.62
C LYS A 91 5.82 18.23 4.74
N THR A 92 4.69 17.56 4.53
CA THR A 92 4.62 16.11 4.59
C THR A 92 5.30 15.51 3.36
N ASP A 93 6.11 14.48 3.59
CA ASP A 93 6.78 13.77 2.50
C ASP A 93 5.89 12.63 2.01
N LEU A 94 4.71 12.97 1.52
CA LEU A 94 3.68 12.00 1.19
C LEU A 94 4.13 10.95 0.18
N ASP A 95 4.74 11.40 -0.91
CA ASP A 95 5.14 10.51 -1.99
C ASP A 95 6.19 9.50 -1.56
N ASN A 96 7.27 9.98 -0.95
CA ASN A 96 8.35 9.11 -0.51
C ASN A 96 7.91 8.18 0.62
N LEU A 97 6.91 8.60 1.38
CA LEU A 97 6.41 7.79 2.48
C LEU A 97 5.59 6.63 1.94
N TRP A 98 4.79 6.90 0.91
CA TRP A 98 3.99 5.86 0.27
C TRP A 98 4.89 4.82 -0.41
N LEU A 99 5.92 5.29 -1.09
CA LEU A 99 6.87 4.40 -1.75
C LEU A 99 7.58 3.50 -0.75
N ASP A 100 8.02 4.07 0.36
CA ASP A 100 8.71 3.30 1.40
C ASP A 100 7.79 2.22 1.96
N VAL A 101 6.50 2.51 2.01
CA VAL A 101 5.51 1.51 2.43
C VAL A 101 5.45 0.39 1.40
N LEU A 102 5.49 0.76 0.13
CA LEU A 102 5.44 -0.24 -0.94
C LEU A 102 6.68 -1.11 -0.93
N LEU A 103 7.85 -0.49 -0.73
CA LEU A 103 9.11 -1.23 -0.69
C LEU A 103 9.14 -2.17 0.51
N CYS A 104 8.55 -1.74 1.62
CA CYS A 104 8.42 -2.60 2.78
C CYS A 104 7.62 -3.86 2.44
N LEU A 105 6.50 -3.66 1.74
CA LEU A 105 5.64 -4.76 1.35
C LEU A 105 6.32 -5.76 0.43
N ILE A 106 6.70 -5.31 -0.75
CA ILE A 106 7.22 -6.22 -1.77
C ILE A 106 8.59 -6.76 -1.38
N GLY A 107 9.32 -5.99 -0.57
CA GLY A 107 10.61 -6.42 -0.06
C GLY A 107 10.48 -7.38 1.12
N GLU A 108 9.26 -7.55 1.61
CA GLU A 108 8.97 -8.49 2.69
C GLU A 108 9.80 -8.17 3.93
N ALA A 109 9.71 -6.94 4.40
CA ALA A 109 10.49 -6.47 5.55
C ALA A 109 9.94 -6.99 6.87
N PHE A 110 8.80 -7.68 6.82
CA PHE A 110 8.13 -8.16 8.03
C PHE A 110 8.38 -9.64 8.27
N ASP A 111 8.55 -10.01 9.53
CA ASP A 111 8.76 -11.41 9.89
C ASP A 111 7.49 -12.22 9.66
N HIS A 112 6.34 -11.62 9.99
CA HIS A 112 5.05 -12.25 9.74
C HIS A 112 4.54 -11.86 8.35
N SER A 113 5.26 -12.31 7.33
CA SER A 113 4.92 -11.96 5.95
C SER A 113 3.53 -12.45 5.57
N ASP A 114 3.16 -13.61 6.06
CA ASP A 114 1.86 -14.20 5.74
C ASP A 114 0.71 -13.38 6.31
N GLN A 115 1.01 -12.53 7.29
CA GLN A 115 -0.02 -11.72 7.91
C GLN A 115 -0.29 -10.42 7.15
N ILE A 116 0.66 -10.03 6.31
CA ILE A 116 0.47 -8.84 5.46
C ILE A 116 -0.51 -9.14 4.34
N CYS A 117 -1.49 -8.26 4.18
CA CYS A 117 -2.47 -8.36 3.10
C CYS A 117 -2.22 -7.32 2.03
N GLY A 118 -1.90 -6.10 2.45
CA GLY A 118 -1.59 -5.03 1.52
C GLY A 118 -1.50 -3.67 2.18
N ALA A 119 -1.58 -2.63 1.37
CA ALA A 119 -1.58 -1.25 1.86
C ALA A 119 -2.49 -0.38 1.00
N VAL A 120 -2.98 0.70 1.59
CA VAL A 120 -3.87 1.64 0.90
C VAL A 120 -3.50 3.07 1.25
N ILE A 121 -3.50 3.94 0.25
CA ILE A 121 -3.36 5.38 0.49
C ILE A 121 -4.61 6.11 0.02
N ASN A 122 -5.23 6.84 0.96
CA ASN A 122 -6.44 7.60 0.68
C ASN A 122 -6.13 9.09 0.54
N ILE A 123 -6.65 9.68 -0.54
CA ILE A 123 -6.54 11.12 -0.76
C ILE A 123 -7.90 11.76 -0.47
N ARG A 124 -8.06 12.31 0.74
CA ARG A 124 -9.30 12.94 1.17
C ARG A 124 -9.11 14.44 1.35
N GLY A 125 -10.20 15.14 1.68
CA GLY A 125 -10.18 16.59 1.79
C GLY A 125 -9.45 17.09 3.02
N LYS A 126 -9.83 16.59 4.19
CA LYS A 126 -9.26 17.06 5.45
C LYS A 126 -7.82 16.58 5.64
N SER A 127 -7.54 15.37 5.19
CA SER A 127 -6.23 14.76 5.38
C SER A 127 -6.03 13.57 4.46
N ASN A 128 -4.80 13.05 4.44
CA ASN A 128 -4.46 11.84 3.71
C ASN A 128 -4.15 10.71 4.67
N LYS A 129 -4.53 9.49 4.31
CA LYS A 129 -4.31 8.33 5.16
C LYS A 129 -3.56 7.22 4.43
N ILE A 130 -2.49 6.73 5.05
CA ILE A 130 -1.77 5.56 4.57
C ILE A 130 -1.99 4.44 5.58
N SER A 131 -2.53 3.32 5.11
CA SER A 131 -2.85 2.19 5.98
C SER A 131 -2.21 0.89 5.50
N ILE A 132 -1.69 0.11 6.44
CA ILE A 132 -1.16 -1.22 6.16
C ILE A 132 -2.10 -2.28 6.72
N TRP A 133 -2.64 -3.12 5.84
CA TRP A 133 -3.65 -4.11 6.22
C TRP A 133 -3.03 -5.46 6.58
N THR A 134 -3.49 -6.03 7.69
CA THR A 134 -3.02 -7.34 8.14
C THR A 134 -4.22 -8.27 8.31
N ALA A 135 -3.94 -9.57 8.33
CA ALA A 135 -5.00 -10.58 8.17
C ALA A 135 -5.79 -10.86 9.45
N ASP A 136 -5.11 -10.89 10.59
CA ASP A 136 -5.75 -11.28 11.85
C ASP A 136 -5.53 -10.24 12.94
N GLY A 137 -6.61 -9.55 13.31
CA GLY A 137 -6.56 -8.53 14.34
C GLY A 137 -6.26 -9.11 15.71
N ASN A 138 -6.78 -10.32 15.96
CA ASN A 138 -6.57 -10.99 17.25
C ASN A 138 -5.10 -11.31 17.50
N ASN A 139 -4.35 -11.54 16.43
CA ASN A 139 -2.93 -11.86 16.55
C ASN A 139 -2.14 -10.63 16.94
N GLU A 140 -1.94 -10.44 18.23
CA GLU A 140 -1.22 -9.29 18.75
C GLU A 140 0.26 -9.31 18.36
N GLU A 141 0.88 -10.48 18.48
CA GLU A 141 2.30 -10.62 18.19
C GLU A 141 2.61 -10.30 16.73
N ALA A 142 1.66 -10.58 15.85
CA ALA A 142 1.84 -10.31 14.43
C ALA A 142 1.74 -8.82 14.16
N ALA A 143 0.66 -8.21 14.60
CA ALA A 143 0.39 -6.79 14.36
C ALA A 143 1.51 -5.92 14.91
N LEU A 144 1.96 -6.23 16.12
CA LEU A 144 2.98 -5.42 16.79
C LEU A 144 4.33 -5.52 16.08
N GLU A 145 4.72 -6.73 15.70
CA GLU A 145 5.97 -6.94 14.98
C GLU A 145 5.95 -6.14 13.68
N ILE A 146 4.80 -6.16 13.01
CA ILE A 146 4.61 -5.41 11.77
C ILE A 146 4.63 -3.92 12.06
N GLY A 147 3.89 -3.51 13.08
CA GLY A 147 3.80 -2.10 13.45
C GLY A 147 5.15 -1.51 13.82
N HIS A 148 5.97 -2.29 14.52
CA HIS A 148 7.29 -1.83 14.92
C HIS A 148 8.23 -1.74 13.72
N LYS A 149 8.10 -2.66 12.78
CA LYS A 149 8.88 -2.60 11.54
C LYS A 149 8.54 -1.32 10.79
N LEU A 150 7.26 -0.97 10.78
CA LEU A 150 6.81 0.26 10.13
C LEU A 150 7.39 1.49 10.81
N ARG A 151 7.26 1.57 12.13
CA ARG A 151 7.73 2.74 12.86
C ARG A 151 9.22 2.97 12.64
N ASP A 152 10.00 1.89 12.65
CA ASP A 152 11.44 1.97 12.50
C ASP A 152 11.87 2.21 11.06
N ALA A 153 11.00 1.89 10.11
CA ALA A 153 11.33 2.02 8.70
C ALA A 153 10.85 3.35 8.11
N LEU A 154 9.79 3.90 8.68
CA LEU A 154 9.13 5.07 8.10
C LEU A 154 9.55 6.41 8.74
N ARG A 155 10.30 6.34 9.84
CA ARG A 155 10.77 7.54 10.53
C ARG A 155 9.65 8.52 10.82
N LEU A 156 8.61 8.05 11.51
CA LEU A 156 7.44 8.88 11.74
C LEU A 156 7.72 9.95 12.81
N GLY A 157 8.59 9.62 13.77
CA GLY A 157 9.00 10.59 14.78
C GLY A 157 8.35 10.35 16.14
N ARG A 158 8.61 11.26 17.06
CA ARG A 158 8.10 11.16 18.43
C ARG A 158 6.61 11.45 18.50
N ASN A 159 6.20 12.54 17.85
CA ASN A 159 4.84 13.06 18.00
C ASN A 159 3.83 12.35 17.11
N ASN A 160 4.32 11.61 16.11
CA ASN A 160 3.46 10.85 15.21
C ASN A 160 3.28 9.42 15.71
N SER A 161 2.06 8.90 15.62
CA SER A 161 1.72 7.58 16.14
C SER A 161 1.11 6.67 15.08
N LEU A 162 1.46 5.40 15.14
CA LEU A 162 0.82 4.36 14.36
C LEU A 162 -0.36 3.81 15.15
N GLN A 163 -1.54 3.81 14.54
CA GLN A 163 -2.75 3.32 15.19
C GLN A 163 -3.31 2.10 14.47
N TYR A 164 -3.48 1.00 15.21
CA TYR A 164 -4.06 -0.21 14.63
C TYR A 164 -5.55 -0.27 14.89
N GLN A 165 -6.32 -0.40 13.80
CA GLN A 165 -7.77 -0.42 13.85
C GLN A 165 -8.33 -1.71 13.28
N LEU A 166 -9.17 -2.39 14.03
CA LEU A 166 -9.90 -3.55 13.53
C LEU A 166 -10.88 -3.09 12.46
N HIS A 167 -11.02 -3.88 11.40
CA HIS A 167 -11.91 -3.54 10.30
C HIS A 167 -13.37 -3.44 10.77
N LYS A 168 -13.75 -4.27 11.73
CA LYS A 168 -15.11 -4.25 12.26
C LYS A 168 -15.44 -2.91 12.91
N ASP A 169 -14.42 -2.27 13.48
CA ASP A 169 -14.60 -1.00 14.18
C ASP A 169 -14.65 0.17 13.20
N THR A 170 -14.19 -0.06 11.98
CA THR A 170 -14.14 0.99 10.97
C THR A 170 -15.53 1.29 10.42
N MET A 171 -16.31 0.24 10.18
CA MET A 171 -17.63 0.38 9.58
C MET A 171 -18.70 0.69 10.62
N VAL A 172 -18.48 1.77 11.36
CA VAL A 172 -19.44 2.20 12.38
C VAL A 172 -19.54 3.72 12.39
N ASN A 177 -12.74 8.96 14.31
CA ASN A 177 -13.60 8.48 15.38
C ASN A 177 -13.69 6.95 15.39
N VAL A 178 -12.69 6.31 14.79
CA VAL A 178 -12.58 4.86 14.80
C VAL A 178 -11.75 4.41 16.00
N LYS A 179 -12.17 3.31 16.64
CA LYS A 179 -11.45 2.78 17.79
C LYS A 179 -10.15 2.10 17.35
N SER A 180 -9.09 2.37 18.12
CA SER A 180 -7.82 1.69 17.95
C SER A 180 -7.59 0.74 19.12
N ILE A 181 -6.87 -0.36 18.86
CA ILE A 181 -6.58 -1.35 19.90
C ILE A 181 -5.09 -1.44 20.19
N TYR A 182 -4.28 -0.95 19.25
CA TYR A 182 -2.84 -0.82 19.47
C TYR A 182 -2.37 0.56 19.03
N THR A 183 -1.32 1.06 19.67
CA THR A 183 -0.74 2.34 19.30
C THR A 183 0.78 2.29 19.45
N LEU A 184 1.48 2.81 18.45
CA LEU A 184 2.94 2.87 18.47
C LEU A 184 3.43 4.22 17.99
N PRO B 2 11.00 -20.18 -1.26
CA PRO B 2 11.87 -19.71 -0.17
C PRO B 2 11.60 -18.26 0.21
N HIS B 3 12.37 -17.74 1.14
CA HIS B 3 12.17 -16.38 1.65
C HIS B 3 13.03 -15.37 0.90
N MET B 4 12.38 -14.58 0.04
CA MET B 4 13.06 -13.54 -0.74
C MET B 4 12.85 -12.16 -0.10
N ARG B 5 13.84 -11.72 0.66
CA ARG B 5 13.77 -10.42 1.33
C ARG B 5 14.68 -9.40 0.64
N TYR B 6 14.08 -8.29 0.21
CA TYR B 6 14.84 -7.19 -0.38
C TYR B 6 14.82 -5.99 0.55
N SER B 7 16.01 -5.45 0.82
CA SER B 7 16.12 -4.21 1.59
C SER B 7 15.66 -3.05 0.72
N LYS B 8 15.39 -1.91 1.35
CA LYS B 8 15.01 -0.71 0.62
C LYS B 8 16.09 -0.35 -0.39
N VAL B 9 17.35 -0.55 -0.01
CA VAL B 9 18.48 -0.25 -0.87
C VAL B 9 18.49 -1.15 -2.09
N ASP B 10 18.30 -2.45 -1.87
CA ASP B 10 18.30 -3.43 -2.95
C ASP B 10 17.21 -3.11 -3.97
N LEU B 11 16.06 -2.69 -3.47
CA LEU B 11 14.91 -2.38 -4.33
C LEU B 11 15.15 -1.11 -5.14
N LEU B 12 15.59 -0.05 -4.46
CA LEU B 12 15.87 1.21 -5.13
C LEU B 12 17.02 1.07 -6.13
N ALA B 13 17.95 0.19 -5.83
CA ALA B 13 19.12 -0.03 -6.68
C ALA B 13 18.72 -0.52 -8.07
N LEU B 14 17.57 -1.17 -8.16
CA LEU B 14 17.09 -1.73 -9.43
C LEU B 14 16.05 -0.83 -10.10
N ARG B 15 15.92 0.40 -9.63
CA ARG B 15 14.87 1.28 -10.11
C ARG B 15 15.05 1.71 -11.57
N TYR B 16 16.30 1.76 -12.03
CA TYR B 16 16.60 2.29 -13.35
C TYR B 16 17.23 1.24 -14.27
N GLU B 17 16.84 -0.02 -14.09
CA GLU B 17 17.25 -1.07 -15.02
C GLU B 17 16.56 -0.86 -16.35
N GLY B 18 16.99 -1.60 -17.38
CA GLY B 18 16.41 -1.48 -18.70
C GLY B 18 14.94 -1.85 -18.71
N LYS B 19 14.60 -2.91 -17.97
CA LYS B 19 13.22 -3.38 -17.91
C LYS B 19 12.38 -2.55 -16.94
N SER B 20 13.07 -1.87 -16.02
CA SER B 20 12.40 -1.02 -15.04
C SER B 20 12.02 0.32 -15.65
N ARG B 21 12.78 0.75 -16.65
CA ARG B 21 12.55 2.02 -17.32
C ARG B 21 11.56 1.86 -18.47
N GLN B 25 11.06 -0.54 -20.36
CA GLN B 25 9.86 -0.09 -21.05
C GLN B 25 8.74 0.21 -20.04
N CYS B 26 7.56 0.52 -20.56
CA CYS B 26 6.40 0.79 -19.72
C CYS B 26 5.66 -0.50 -19.37
N SER B 27 4.69 -0.40 -18.48
CA SER B 27 3.95 -1.56 -18.01
C SER B 27 3.23 -2.27 -19.15
N THR B 28 2.94 -3.55 -18.95
CA THR B 28 2.30 -4.37 -19.97
C THR B 28 0.79 -4.15 -20.03
N ARG B 29 0.14 -4.29 -18.87
CA ARG B 29 -1.31 -4.19 -18.80
C ARG B 29 -1.79 -2.76 -19.04
N LEU B 30 -2.41 -2.55 -20.19
CA LEU B 30 -2.98 -1.25 -20.55
C LEU B 30 -4.35 -1.45 -21.22
N GLU B 31 -5.33 -1.84 -20.43
CA GLU B 31 -6.69 -2.07 -20.93
C GLU B 31 -7.34 -0.78 -21.38
N LEU B 32 -8.36 -0.89 -22.22
CA LEU B 32 -9.11 0.28 -22.64
C LEU B 32 -9.89 0.85 -21.46
N GLN B 33 -9.15 1.48 -20.55
CA GLN B 33 -9.73 2.18 -19.39
C GLN B 33 -9.12 3.58 -19.30
N THR B 34 -9.98 4.60 -19.28
CA THR B 34 -9.52 5.97 -19.22
C THR B 34 -9.62 6.49 -17.79
N LEU B 35 -8.47 6.56 -17.12
CA LEU B 35 -8.40 6.99 -15.73
C LEU B 35 -7.25 7.98 -15.56
N GLY B 36 -7.34 8.82 -14.54
CA GLY B 36 -6.40 9.91 -14.37
C GLY B 36 -5.10 9.56 -13.67
N PHE B 37 -4.92 8.29 -13.32
CA PHE B 37 -3.74 7.88 -12.57
C PHE B 37 -2.52 7.71 -13.47
N TRP B 38 -2.77 7.48 -14.75
CA TRP B 38 -1.67 7.31 -15.71
C TRP B 38 -0.85 8.58 -15.82
N LYS B 39 0.48 8.42 -15.80
CA LYS B 39 1.40 9.54 -15.92
C LYS B 39 1.47 10.01 -17.38
N ILE B 40 1.86 11.26 -17.57
CA ILE B 40 2.02 11.83 -18.90
C ILE B 40 3.29 12.67 -18.99
#